data_1SNY
#
_entry.id   1SNY
#
_cell.length_a   71.700
_cell.length_b   73.900
_cell.length_c   92.300
_cell.angle_alpha   90.00
_cell.angle_beta   90.00
_cell.angle_gamma   90.00
#
_symmetry.space_group_name_H-M   'I 2 2 2'
#
loop_
_entity.id
_entity.type
_entity.pdbx_description
1 polymer 'sniffer CG10964-PA'
2 non-polymer 'NADP NICOTINAMIDE-ADENINE-DINUCLEOTIDE PHOSPHATE'
3 water water
#
_entity_poly.entity_id   1
_entity_poly.type   'polypeptide(L)'
_entity_poly.pdbx_seq_one_letter_code
;MGSSHHHHHHSSGLVPRGSH(MSE)NSILITGCNRGLGLGLVKALLNLPQPPQHLFTTCRNREQAKELEDLAKNHSNIHI
LEIDLRNFDAYDKLVADIEGVTKDQGLNVLFNNAGIAPKSARITAVRSQELLDTLQTNTVVPI(MSE)LAKACLPLLKKA
AKANESQP(MSE)GVGRAAIIN(MSE)SSILGSIQGNTDGG(MSE)YAYRTSKSALNAATKSLSVDLYPQRI(MSE)CVS
LHPGWVKTD(MSE)GGSSAPLDVPTSTGQIVQTISKLGEKQNGGFVNYDGTPLAW
;
_entity_poly.pdbx_strand_id   A
#
loop_
_chem_comp.id
_chem_comp.type
_chem_comp.name
_chem_comp.formula
NAP non-polymer 'NADP NICOTINAMIDE-ADENINE-DINUCLEOTIDE PHOSPHATE' 'C21 H28 N7 O17 P3'
#
# COMPACT_ATOMS: atom_id res chain seq x y z
N HIS A 20 4.84 16.95 2.17
CA HIS A 20 5.34 16.25 3.38
C HIS A 20 4.24 15.40 4.03
N MSE A 21 4.58 14.16 4.38
CA MSE A 21 3.64 13.26 5.01
C MSE A 21 3.98 13.17 6.48
O MSE A 21 5.00 12.58 6.84
CB MSE A 21 3.75 11.86 4.40
CG MSE A 21 3.43 11.77 2.93
SE MSE A 21 3.81 9.99 2.28
CE MSE A 21 5.35 10.39 1.17
N ASN A 22 3.17 13.75 7.34
CA ASN A 22 3.45 13.71 8.76
C ASN A 22 3.43 12.26 9.24
N SER A 23 2.39 11.52 8.87
CA SER A 23 2.29 10.13 9.30
C SER A 23 1.87 9.20 8.17
N ILE A 24 2.43 8.00 8.16
CA ILE A 24 2.10 7.02 7.15
C ILE A 24 2.12 5.63 7.73
N LEU A 25 1.17 4.80 7.28
CA LEU A 25 1.07 3.41 7.69
C LEU A 25 1.32 2.56 6.45
N ILE A 26 2.34 1.70 6.51
CA ILE A 26 2.67 0.82 5.38
C ILE A 26 2.64 -0.63 5.86
N THR A 27 1.88 -1.48 5.16
CA THR A 27 1.78 -2.89 5.53
C THR A 27 2.83 -3.73 4.80
N GLY A 28 3.34 -4.76 5.49
CA GLY A 28 4.35 -5.64 4.92
C GLY A 28 5.69 -4.96 4.65
N CYS A 29 6.43 -4.60 5.70
CA CYS A 29 7.70 -3.89 5.53
C CYS A 29 8.99 -4.64 5.85
N ASN A 30 8.90 -5.90 6.23
CA ASN A 30 10.10 -6.67 6.55
C ASN A 30 10.80 -7.13 5.28
N ARG A 31 10.04 -7.22 4.19
CA ARG A 31 10.58 -7.67 2.90
C ARG A 31 10.37 -6.69 1.75
N GLY A 32 10.78 -7.13 0.57
CA GLY A 32 10.64 -6.36 -0.66
C GLY A 32 10.32 -4.88 -0.63
N LEU A 33 9.35 -4.49 -1.45
CA LEU A 33 8.93 -3.10 -1.60
C LEU A 33 8.56 -2.39 -0.30
N GLY A 34 7.98 -3.13 0.65
CA GLY A 34 7.61 -2.52 1.91
C GLY A 34 8.83 -1.94 2.58
N LEU A 35 9.87 -2.76 2.69
CA LEU A 35 11.13 -2.34 3.30
C LEU A 35 11.79 -1.26 2.46
N GLY A 36 11.69 -1.40 1.14
CA GLY A 36 12.31 -0.45 0.25
C GLY A 36 11.68 0.92 0.41
N LEU A 37 10.37 0.95 0.60
CA LEU A 37 9.64 2.20 0.77
C LEU A 37 10.05 2.86 2.07
N VAL A 38 10.19 2.07 3.13
CA VAL A 38 10.60 2.60 4.43
C VAL A 38 11.90 3.37 4.28
N LYS A 39 12.91 2.71 3.71
CA LYS A 39 14.21 3.35 3.51
C LYS A 39 14.11 4.60 2.65
N ALA A 40 13.35 4.53 1.57
CA ALA A 40 13.20 5.68 0.69
C ALA A 40 12.51 6.84 1.39
N LEU A 41 11.60 6.52 2.31
CA LEU A 41 10.88 7.54 3.06
C LEU A 41 11.85 8.28 3.96
N LEU A 42 12.77 7.52 4.55
CA LEU A 42 13.79 8.08 5.44
C LEU A 42 14.74 9.03 4.69
N ASN A 43 15.20 8.59 3.52
CA ASN A 43 16.13 9.38 2.73
C ASN A 43 15.55 10.73 2.29
N LEU A 44 14.27 10.93 2.58
CA LEU A 44 13.61 12.17 2.19
C LEU A 44 14.12 13.32 3.06
N PRO A 45 14.28 14.51 2.47
CA PRO A 45 14.76 15.66 3.25
C PRO A 45 13.91 15.85 4.50
N GLN A 46 12.59 15.77 4.31
CA GLN A 46 11.63 15.92 5.40
C GLN A 46 10.91 14.58 5.60
N PRO A 47 11.56 13.60 6.24
CA PRO A 47 10.94 12.29 6.47
C PRO A 47 9.70 12.38 7.36
N PRO A 48 8.81 11.39 7.28
CA PRO A 48 7.61 11.42 8.12
C PRO A 48 7.95 11.43 9.61
N GLN A 49 7.10 12.09 10.41
CA GLN A 49 7.31 12.15 11.85
C GLN A 49 6.94 10.80 12.45
N HIS A 50 5.92 10.18 11.86
CA HIS A 50 5.47 8.88 12.33
C HIS A 50 5.36 7.93 11.15
N LEU A 51 6.22 6.92 11.15
CA LEU A 51 6.24 5.93 10.09
C LEU A 51 5.84 4.59 10.69
N PHE A 52 4.56 4.25 10.61
CA PHE A 52 4.08 2.97 11.14
C PHE A 52 4.32 1.86 10.13
N THR A 53 4.89 0.77 10.61
CA THR A 53 5.21 -0.36 9.76
C THR A 53 4.71 -1.65 10.39
N THR A 54 4.02 -2.47 9.61
CA THR A 54 3.50 -3.73 10.10
C THR A 54 4.39 -4.86 9.59
N CYS A 55 4.33 -5.99 10.29
CA CYS A 55 5.08 -7.19 9.92
C CYS A 55 4.51 -8.27 10.81
N ARG A 56 4.54 -9.51 10.34
CA ARG A 56 3.97 -10.61 11.10
C ARG A 56 4.86 -11.18 12.20
N ASN A 57 6.17 -11.07 12.02
CA ASN A 57 7.11 -11.59 13.02
C ASN A 57 8.18 -10.55 13.31
N ARG A 58 8.00 -9.81 14.40
CA ARG A 58 8.97 -8.79 14.77
C ARG A 58 10.31 -9.45 15.09
N GLU A 59 10.24 -10.67 15.65
CA GLU A 59 11.44 -11.42 15.99
C GLU A 59 12.32 -11.47 14.76
N GLN A 60 11.71 -11.69 13.61
CA GLN A 60 12.44 -11.72 12.35
C GLN A 60 12.58 -10.24 11.97
N ALA A 61 12.42 -9.94 10.69
CA ALA A 61 12.53 -8.55 10.24
C ALA A 61 13.67 -7.86 10.97
N LYS A 62 14.83 -8.49 10.98
CA LYS A 62 15.99 -7.93 11.64
C LYS A 62 16.33 -6.57 11.05
N GLU A 63 16.34 -6.50 9.72
CA GLU A 63 16.65 -5.25 9.04
C GLU A 63 15.66 -4.14 9.40
N LEU A 64 14.38 -4.50 9.51
CA LEU A 64 13.35 -3.51 9.87
C LEU A 64 13.50 -3.17 11.35
N GLU A 65 13.77 -4.20 12.15
CA GLU A 65 13.95 -4.02 13.58
C GLU A 65 15.21 -3.20 13.86
N ASP A 66 16.17 -3.31 12.96
CA ASP A 66 17.43 -2.57 13.07
C ASP A 66 17.19 -1.12 12.68
N LEU A 67 16.43 -0.92 11.61
CA LEU A 67 16.13 0.43 11.15
C LEU A 67 15.38 1.16 12.25
N ALA A 68 14.58 0.42 13.00
CA ALA A 68 13.81 0.99 14.10
C ALA A 68 14.72 1.46 15.22
N LYS A 69 15.68 0.61 15.57
CA LYS A 69 16.63 0.92 16.63
C LYS A 69 17.52 2.10 16.27
N ASN A 70 17.47 2.52 15.00
CA ASN A 70 18.27 3.65 14.54
C ASN A 70 17.42 4.85 14.16
N HIS A 71 16.13 4.62 13.95
CA HIS A 71 15.22 5.70 13.59
C HIS A 71 13.97 5.61 14.46
N SER A 72 13.84 6.55 15.40
CA SER A 72 12.71 6.58 16.32
C SER A 72 11.38 6.99 15.68
N ASN A 73 11.45 7.60 14.50
CA ASN A 73 10.21 7.98 13.82
C ASN A 73 9.52 6.73 13.29
N ILE A 74 10.25 5.62 13.30
CA ILE A 74 9.71 4.35 12.86
C ILE A 74 8.96 3.68 14.01
N HIS A 75 7.77 3.17 13.72
CA HIS A 75 6.95 2.49 14.72
C HIS A 75 6.59 1.12 14.17
N ILE A 76 7.00 0.06 14.86
CA ILE A 76 6.71 -1.28 14.41
C ILE A 76 5.46 -1.84 15.09
N LEU A 77 4.49 -2.25 14.28
CA LEU A 77 3.25 -2.82 14.79
C LEU A 77 3.19 -4.25 14.28
N GLU A 78 2.98 -5.21 15.19
CA GLU A 78 2.93 -6.61 14.79
C GLU A 78 1.49 -7.08 14.64
N ILE A 79 1.19 -7.67 13.48
CA ILE A 79 -0.15 -8.14 13.21
C ILE A 79 -0.21 -8.95 11.92
N ASP A 80 -1.15 -9.90 11.86
CA ASP A 80 -1.34 -10.67 10.64
C ASP A 80 -2.65 -10.10 10.10
N LEU A 81 -2.55 -9.34 9.01
CA LEU A 81 -3.71 -8.67 8.42
C LEU A 81 -4.96 -9.53 8.21
N ARG A 82 -4.80 -10.85 8.27
CA ARG A 82 -5.95 -11.74 8.10
C ARG A 82 -6.85 -11.75 9.34
N ASN A 83 -6.34 -11.23 10.45
CA ASN A 83 -7.10 -11.18 11.69
C ASN A 83 -7.87 -9.87 11.80
N PHE A 84 -9.01 -9.82 11.12
CA PHE A 84 -9.85 -8.63 11.09
C PHE A 84 -10.26 -8.05 12.45
N ASP A 85 -10.29 -8.90 13.48
CA ASP A 85 -10.66 -8.42 14.81
C ASP A 85 -9.53 -7.66 15.47
N ALA A 86 -8.33 -7.84 14.94
CA ALA A 86 -7.15 -7.18 15.49
C ALA A 86 -7.00 -5.74 14.98
N TYR A 87 -7.80 -5.35 13.99
CA TYR A 87 -7.70 -4.01 13.43
C TYR A 87 -8.06 -2.90 14.41
N ASP A 88 -9.11 -3.11 15.19
CA ASP A 88 -9.54 -2.11 16.16
C ASP A 88 -8.38 -1.62 17.01
N LYS A 89 -7.51 -2.54 17.41
CA LYS A 89 -6.37 -2.16 18.23
C LYS A 89 -5.27 -1.51 17.42
N LEU A 90 -5.12 -1.93 16.16
CA LEU A 90 -4.10 -1.35 15.31
C LEU A 90 -4.39 0.14 15.25
N VAL A 91 -5.62 0.49 14.91
CA VAL A 91 -6.03 1.88 14.81
C VAL A 91 -5.94 2.61 16.15
N ALA A 92 -6.18 1.87 17.23
CA ALA A 92 -6.10 2.47 18.56
C ALA A 92 -4.67 2.94 18.80
N ASP A 93 -3.71 2.05 18.57
CA ASP A 93 -2.31 2.39 18.77
C ASP A 93 -1.90 3.59 17.92
N ILE A 94 -2.39 3.64 16.69
CA ILE A 94 -2.06 4.76 15.82
C ILE A 94 -2.62 6.06 16.37
N GLU A 95 -3.91 6.07 16.64
CA GLU A 95 -4.57 7.27 17.15
C GLU A 95 -3.90 7.80 18.41
N GLY A 96 -3.46 6.90 19.28
CA GLY A 96 -2.80 7.32 20.51
C GLY A 96 -1.56 8.14 20.22
N VAL A 97 -0.86 7.79 19.14
CA VAL A 97 0.36 8.49 18.77
C VAL A 97 0.12 9.75 17.97
N THR A 98 -0.72 9.66 16.93
CA THR A 98 -1.01 10.81 16.07
C THR A 98 -2.03 11.78 16.66
N LYS A 99 -3.04 11.24 17.32
CA LYS A 99 -4.09 12.05 17.95
C LYS A 99 -4.88 12.89 16.93
N ASP A 100 -5.05 14.16 17.23
CA ASP A 100 -5.80 15.08 16.39
C ASP A 100 -5.22 15.33 14.99
N GLN A 101 -4.05 14.76 14.72
CA GLN A 101 -3.46 14.95 13.39
C GLN A 101 -3.84 13.82 12.44
N GLY A 102 -4.45 12.76 12.98
CA GLY A 102 -4.86 11.63 12.17
C GLY A 102 -3.73 10.92 11.43
N LEU A 103 -4.09 10.17 10.40
CA LEU A 103 -3.13 9.43 9.60
C LEU A 103 -3.19 10.00 8.18
N ASN A 104 -2.07 10.50 7.68
CA ASN A 104 -2.08 11.04 6.33
C ASN A 104 -2.13 10.00 5.24
N VAL A 105 -1.42 8.89 5.41
CA VAL A 105 -1.40 7.89 4.35
C VAL A 105 -1.49 6.45 4.78
N LEU A 106 -2.35 5.71 4.10
CA LEU A 106 -2.48 4.28 4.34
C LEU A 106 -1.91 3.69 3.07
N PHE A 107 -0.83 2.94 3.20
CA PHE A 107 -0.21 2.32 2.04
C PHE A 107 -0.34 0.81 2.13
N ASN A 108 -1.39 0.28 1.49
CA ASN A 108 -1.67 -1.15 1.45
C ASN A 108 -0.62 -1.80 0.54
N ASN A 109 0.40 -2.39 1.14
CA ASN A 109 1.47 -3.01 0.36
C ASN A 109 1.48 -4.51 0.48
N ALA A 110 1.03 -5.01 1.61
CA ALA A 110 0.99 -6.45 1.86
C ALA A 110 0.23 -7.16 0.75
N GLY A 111 0.89 -8.16 0.16
CA GLY A 111 0.26 -8.92 -0.91
C GLY A 111 0.93 -10.26 -1.07
N ILE A 112 0.28 -11.17 -1.80
CA ILE A 112 0.83 -12.49 -2.06
C ILE A 112 0.54 -12.88 -3.49
N ALA A 113 1.38 -13.74 -4.04
CA ALA A 113 1.21 -14.23 -5.40
C ALA A 113 1.57 -15.70 -5.41
N PRO A 114 0.58 -16.58 -5.59
CA PRO A 114 0.88 -18.02 -5.60
C PRO A 114 1.71 -18.38 -6.82
N LYS A 115 2.24 -19.60 -6.83
CA LYS A 115 3.04 -20.08 -7.95
C LYS A 115 2.18 -20.12 -9.21
N SER A 116 2.79 -19.83 -10.35
CA SER A 116 2.08 -19.85 -11.63
C SER A 116 1.40 -21.21 -11.80
N ALA A 117 0.22 -21.22 -12.41
CA ALA A 117 -0.50 -22.46 -12.63
C ALA A 117 -1.56 -22.34 -13.73
N ARG A 118 -1.67 -23.38 -14.55
CA ARG A 118 -2.64 -23.38 -15.64
C ARG A 118 -4.05 -23.58 -15.11
N ILE A 119 -5.04 -23.11 -15.87
CA ILE A 119 -6.42 -23.23 -15.45
C ILE A 119 -6.78 -24.66 -15.04
N THR A 120 -6.18 -25.65 -15.71
CA THR A 120 -6.45 -27.04 -15.38
C THR A 120 -5.89 -27.50 -14.04
N ALA A 121 -5.15 -26.63 -13.36
CA ALA A 121 -4.56 -26.98 -12.07
C ALA A 121 -4.88 -25.99 -10.95
N VAL A 122 -5.73 -25.00 -11.26
CA VAL A 122 -6.11 -24.00 -10.28
C VAL A 122 -6.92 -24.60 -9.12
N ARG A 123 -6.56 -24.24 -7.90
CA ARG A 123 -7.27 -24.72 -6.72
C ARG A 123 -8.14 -23.63 -6.12
N SER A 124 -9.35 -24.00 -5.71
CA SER A 124 -10.28 -23.04 -5.12
C SER A 124 -9.72 -22.33 -3.88
N GLN A 125 -8.90 -23.04 -3.09
CA GLN A 125 -8.35 -22.43 -1.90
C GLN A 125 -7.33 -21.36 -2.23
N GLU A 126 -6.55 -21.60 -3.28
CA GLU A 126 -5.54 -20.66 -3.72
C GLU A 126 -6.22 -19.38 -4.18
N LEU A 127 -7.38 -19.52 -4.82
CA LEU A 127 -8.12 -18.35 -5.29
C LEU A 127 -8.66 -17.54 -4.11
N LEU A 128 -9.37 -18.21 -3.20
CA LEU A 128 -9.93 -17.54 -2.04
C LEU A 128 -8.87 -16.89 -1.16
N ASP A 129 -7.77 -17.60 -0.90
CA ASP A 129 -6.71 -17.04 -0.06
C ASP A 129 -6.07 -15.79 -0.67
N THR A 130 -5.85 -15.82 -1.98
CA THR A 130 -5.23 -14.69 -2.65
C THR A 130 -6.22 -13.52 -2.64
N LEU A 131 -7.48 -13.80 -2.89
CA LEU A 131 -8.50 -12.77 -2.86
C LEU A 131 -8.64 -12.17 -1.46
N GLN A 132 -8.48 -12.98 -0.42
CA GLN A 132 -8.61 -12.45 0.94
C GLN A 132 -7.48 -11.49 1.32
N THR A 133 -6.24 -11.86 1.02
CA THR A 133 -5.09 -11.03 1.35
C THR A 133 -4.87 -9.82 0.42
N ASN A 134 -5.06 -10.02 -0.87
CA ASN A 134 -4.84 -8.94 -1.84
C ASN A 134 -6.03 -8.02 -2.06
N THR A 135 -7.22 -8.48 -1.71
CA THR A 135 -8.42 -7.67 -1.95
C THR A 135 -9.20 -7.28 -0.71
N VAL A 136 -9.63 -8.29 0.04
CA VAL A 136 -10.41 -8.03 1.24
C VAL A 136 -9.65 -7.26 2.31
N VAL A 137 -8.39 -7.63 2.57
CA VAL A 137 -7.59 -6.93 3.57
C VAL A 137 -7.47 -5.44 3.28
N PRO A 138 -7.04 -5.06 2.06
CA PRO A 138 -6.93 -3.63 1.79
C PRO A 138 -8.25 -2.87 2.00
N ILE A 139 -9.37 -3.50 1.66
CA ILE A 139 -10.68 -2.85 1.83
C ILE A 139 -11.00 -2.70 3.31
N MSE A 140 -10.77 -3.76 4.07
CA MSE A 140 -11.06 -3.71 5.49
C MSE A 140 -10.12 -2.80 6.27
O MSE A 140 -10.55 -2.17 7.23
CB MSE A 140 -11.07 -5.13 6.08
CG MSE A 140 -12.17 -6.02 5.51
SE MSE A 140 -13.96 -5.34 5.67
CE MSE A 140 -14.29 -5.76 7.57
N LEU A 141 -8.86 -2.73 5.87
CA LEU A 141 -7.93 -1.85 6.56
C LEU A 141 -8.29 -0.40 6.23
N ALA A 142 -8.71 -0.17 4.98
CA ALA A 142 -9.10 1.18 4.57
C ALA A 142 -10.26 1.59 5.46
N LYS A 143 -11.21 0.67 5.62
CA LYS A 143 -12.40 0.92 6.45
C LYS A 143 -12.00 1.34 7.86
N ALA A 144 -11.11 0.56 8.47
CA ALA A 144 -10.66 0.81 9.83
C ALA A 144 -9.93 2.14 9.99
N CYS A 145 -9.10 2.48 9.01
CA CYS A 145 -8.34 3.71 9.06
C CYS A 145 -9.12 4.95 8.68
N LEU A 146 -10.33 4.78 8.17
CA LEU A 146 -11.13 5.93 7.73
C LEU A 146 -11.21 7.08 8.74
N PRO A 147 -11.51 6.77 10.02
CA PRO A 147 -11.59 7.87 11.00
C PRO A 147 -10.29 8.68 11.06
N LEU A 148 -9.17 7.97 11.09
CA LEU A 148 -7.85 8.62 11.13
C LEU A 148 -7.56 9.42 9.86
N LEU A 149 -7.93 8.85 8.71
CA LEU A 149 -7.69 9.51 7.43
C LEU A 149 -8.52 10.78 7.30
N LYS A 150 -9.73 10.76 7.83
CA LYS A 150 -10.61 11.92 7.75
C LYS A 150 -10.11 13.02 8.69
N LYS A 151 -9.58 12.64 9.84
CA LYS A 151 -9.06 13.64 10.77
C LYS A 151 -7.88 14.35 10.12
N ALA A 152 -7.02 13.58 9.46
CA ALA A 152 -5.85 14.14 8.80
C ALA A 152 -6.30 15.02 7.64
N ALA A 153 -7.33 14.58 6.92
CA ALA A 153 -7.84 15.35 5.78
C ALA A 153 -8.41 16.67 6.26
N LYS A 154 -9.08 16.65 7.41
CA LYS A 154 -9.67 17.86 7.97
C LYS A 154 -8.57 18.78 8.53
N ALA A 155 -7.61 18.20 9.22
CA ALA A 155 -6.52 18.96 9.80
C ALA A 155 -5.72 19.70 8.74
N ASN A 156 -5.77 19.19 7.51
CA ASN A 156 -5.04 19.78 6.41
C ASN A 156 -5.98 20.21 5.29
N GLU A 157 -7.21 20.56 5.65
CA GLU A 157 -8.20 20.96 4.66
C GLU A 157 -7.86 22.17 3.80
N SER A 158 -6.88 22.95 4.24
CA SER A 158 -6.49 24.14 3.47
C SER A 158 -5.52 23.77 2.36
N GLN A 159 -5.12 22.50 2.31
CA GLN A 159 -4.18 22.04 1.30
C GLN A 159 -4.89 21.25 0.20
N PRO A 160 -4.24 21.12 -0.98
CA PRO A 160 -4.85 20.38 -2.08
C PRO A 160 -4.76 18.89 -1.77
N MSE A 161 -5.45 18.08 -2.57
CA MSE A 161 -5.42 16.64 -2.36
C MSE A 161 -4.03 16.09 -2.64
O MSE A 161 -3.36 16.52 -3.57
CB MSE A 161 -6.46 15.96 -3.26
CG MSE A 161 -7.90 16.32 -2.90
SE MSE A 161 -9.18 15.27 -3.93
CE MSE A 161 -8.13 13.66 -4.06
N GLY A 162 -3.59 15.14 -1.81
CA GLY A 162 -2.28 14.55 -1.97
C GLY A 162 -1.88 13.85 -0.69
N VAL A 163 -0.71 13.23 -0.71
CA VAL A 163 -0.24 12.52 0.48
C VAL A 163 -0.01 13.49 1.64
N GLY A 164 0.12 14.77 1.31
CA GLY A 164 0.31 15.78 2.34
C GLY A 164 -0.94 15.98 3.14
N ARG A 165 -2.09 15.61 2.57
CA ARG A 165 -3.37 15.76 3.25
C ARG A 165 -3.85 14.40 3.76
N ALA A 166 -4.42 13.59 2.87
CA ALA A 166 -4.89 12.26 3.22
C ALA A 166 -4.99 11.42 1.96
N ALA A 167 -4.55 10.16 2.05
CA ALA A 167 -4.59 9.29 0.88
C ALA A 167 -4.43 7.82 1.19
N ILE A 168 -5.01 7.00 0.33
CA ILE A 168 -4.89 5.55 0.43
C ILE A 168 -4.20 5.13 -0.85
N ILE A 169 -3.03 4.51 -0.73
CA ILE A 169 -2.34 4.04 -1.92
C ILE A 169 -2.39 2.53 -1.90
N ASN A 170 -3.06 1.95 -2.88
CA ASN A 170 -3.16 0.50 -2.96
C ASN A 170 -2.13 -0.04 -3.93
N MSE A 171 -1.20 -0.84 -3.42
CA MSE A 171 -0.20 -1.40 -4.28
C MSE A 171 -0.87 -2.44 -5.15
O MSE A 171 -1.31 -3.49 -4.65
CB MSE A 171 0.94 -2.02 -3.48
CG MSE A 171 2.20 -2.25 -4.30
SE MSE A 171 3.11 -0.62 -4.85
CE MSE A 171 1.66 0.65 -5.00
N SER A 172 -0.99 -2.15 -6.45
CA SER A 172 -1.63 -3.08 -7.37
C SER A 172 -0.58 -3.71 -8.27
N SER A 173 -0.96 -4.10 -9.49
CA SER A 173 -0.02 -4.72 -10.42
C SER A 173 -0.51 -4.57 -11.86
N ILE A 174 0.42 -4.48 -12.82
CA ILE A 174 0.03 -4.33 -14.21
C ILE A 174 -0.71 -5.59 -14.66
N LEU A 175 -0.48 -6.70 -13.97
CA LEU A 175 -1.15 -7.95 -14.29
C LEU A 175 -2.63 -7.82 -13.97
N GLY A 176 -2.96 -6.77 -13.22
CA GLY A 176 -4.34 -6.51 -12.87
C GLY A 176 -5.00 -5.71 -13.98
N SER A 177 -4.20 -5.32 -14.97
CA SER A 177 -4.74 -4.56 -16.10
C SER A 177 -5.40 -5.54 -17.06
N ILE A 178 -6.73 -5.57 -17.07
CA ILE A 178 -7.43 -6.50 -17.93
C ILE A 178 -7.19 -6.18 -19.40
N GLN A 179 -7.29 -4.90 -19.75
CA GLN A 179 -7.06 -4.50 -21.13
C GLN A 179 -5.68 -4.94 -21.62
N GLY A 180 -4.68 -4.90 -20.73
CA GLY A 180 -3.34 -5.28 -21.11
C GLY A 180 -2.95 -6.74 -20.94
N ASN A 181 -3.88 -7.56 -20.47
CA ASN A 181 -3.60 -8.97 -20.27
C ASN A 181 -3.67 -9.74 -21.60
N THR A 182 -2.50 -10.06 -22.15
CA THR A 182 -2.42 -10.81 -23.40
C THR A 182 -1.72 -12.14 -23.21
N ASP A 183 -1.33 -12.44 -21.97
CA ASP A 183 -0.62 -13.68 -21.68
C ASP A 183 -1.45 -14.71 -20.89
N GLY A 184 -2.56 -14.26 -20.30
CA GLY A 184 -3.42 -15.16 -19.55
C GLY A 184 -2.87 -15.71 -18.24
N GLY A 185 -3.45 -16.83 -17.80
CA GLY A 185 -3.01 -17.45 -16.56
C GLY A 185 -3.06 -16.55 -15.33
N MSE A 186 -2.39 -16.98 -14.26
CA MSE A 186 -2.33 -16.22 -13.00
C MSE A 186 -3.72 -15.81 -12.53
O MSE A 186 -3.95 -14.64 -12.21
CB MSE A 186 -1.49 -14.95 -13.21
CG MSE A 186 -0.11 -15.20 -13.82
SE MSE A 186 1.20 -15.65 -12.48
CE MSE A 186 1.90 -13.89 -12.17
N TYR A 187 -4.64 -16.77 -12.45
CA TYR A 187 -5.99 -16.46 -12.04
C TYR A 187 -6.15 -15.82 -10.67
N ALA A 188 -5.58 -16.43 -9.62
CA ALA A 188 -5.71 -15.86 -8.29
C ALA A 188 -5.14 -14.44 -8.22
N TYR A 189 -3.93 -14.27 -8.72
CA TYR A 189 -3.28 -12.97 -8.67
C TYR A 189 -4.01 -11.91 -9.49
N ARG A 190 -4.28 -12.20 -10.76
CA ARG A 190 -4.97 -11.22 -11.61
C ARG A 190 -6.33 -10.82 -11.08
N THR A 191 -7.16 -11.81 -10.70
CA THR A 191 -8.47 -11.46 -10.21
C THR A 191 -8.40 -10.58 -8.96
N SER A 192 -7.45 -10.87 -8.07
CA SER A 192 -7.33 -10.10 -6.85
C SER A 192 -6.86 -8.67 -7.07
N LYS A 193 -5.98 -8.46 -8.04
CA LYS A 193 -5.49 -7.12 -8.30
C LYS A 193 -6.50 -6.31 -9.12
N SER A 194 -7.22 -6.97 -10.03
CA SER A 194 -8.26 -6.25 -10.79
C SER A 194 -9.36 -5.91 -9.79
N ALA A 195 -9.58 -6.79 -8.81
CA ALA A 195 -10.60 -6.50 -7.81
C ALA A 195 -10.16 -5.34 -6.92
N LEU A 196 -8.87 -5.30 -6.57
CA LEU A 196 -8.32 -4.21 -5.75
C LEU A 196 -8.52 -2.90 -6.50
N ASN A 197 -8.29 -2.93 -7.81
CA ASN A 197 -8.46 -1.72 -8.63
C ASN A 197 -9.89 -1.20 -8.56
N ALA A 198 -10.87 -2.09 -8.68
CA ALA A 198 -12.28 -1.70 -8.62
C ALA A 198 -12.56 -1.07 -7.25
N ALA A 199 -11.92 -1.60 -6.21
CA ALA A 199 -12.09 -1.05 -4.87
C ALA A 199 -11.48 0.35 -4.82
N THR A 200 -10.33 0.51 -5.46
CA THR A 200 -9.67 1.81 -5.49
C THR A 200 -10.58 2.86 -6.12
N LYS A 201 -11.25 2.50 -7.22
CA LYS A 201 -12.14 3.44 -7.89
C LYS A 201 -13.32 3.79 -6.99
N SER A 202 -13.97 2.78 -6.40
CA SER A 202 -15.09 3.09 -5.51
C SER A 202 -14.67 3.92 -4.31
N LEU A 203 -13.52 3.60 -3.72
CA LEU A 203 -13.06 4.39 -2.59
C LEU A 203 -12.86 5.86 -3.01
N SER A 204 -12.32 6.09 -4.21
CA SER A 204 -12.09 7.46 -4.67
C SER A 204 -13.38 8.28 -4.73
N VAL A 205 -14.45 7.64 -5.18
CA VAL A 205 -15.75 8.32 -5.28
C VAL A 205 -16.35 8.53 -3.89
N ASP A 206 -16.37 7.48 -3.09
CA ASP A 206 -16.95 7.55 -1.76
C ASP A 206 -16.23 8.47 -0.78
N LEU A 207 -14.92 8.62 -0.93
CA LEU A 207 -14.16 9.47 -0.01
C LEU A 207 -13.91 10.88 -0.53
N TYR A 208 -14.37 11.16 -1.74
CA TYR A 208 -14.16 12.48 -2.32
C TYR A 208 -14.66 13.63 -1.43
N PRO A 209 -15.79 13.44 -0.75
CA PRO A 209 -16.34 14.49 0.15
C PRO A 209 -15.32 14.99 1.16
N GLN A 210 -14.57 14.06 1.75
CA GLN A 210 -13.54 14.44 2.73
C GLN A 210 -12.22 14.69 2.02
N ARG A 211 -12.24 14.60 0.69
CA ARG A 211 -11.06 14.83 -0.13
C ARG A 211 -9.89 13.91 0.18
N ILE A 212 -10.19 12.62 0.36
CA ILE A 212 -9.15 11.62 0.63
C ILE A 212 -8.84 10.96 -0.70
N MSE A 213 -7.59 11.05 -1.12
CA MSE A 213 -7.15 10.49 -2.40
C MSE A 213 -6.93 8.98 -2.35
O MSE A 213 -6.41 8.46 -1.36
CB MSE A 213 -5.86 11.20 -2.83
CG MSE A 213 -5.33 10.81 -4.20
SE MSE A 213 -3.73 11.81 -4.66
CE MSE A 213 -2.42 10.64 -3.89
N CYS A 214 -7.36 8.28 -3.40
CA CYS A 214 -7.14 6.84 -3.46
C CYS A 214 -6.66 6.48 -4.85
N VAL A 215 -5.54 5.78 -4.93
CA VAL A 215 -5.00 5.39 -6.20
C VAL A 215 -4.38 4.02 -6.13
N SER A 216 -4.41 3.32 -7.25
CA SER A 216 -3.77 2.01 -7.34
C SER A 216 -2.45 2.31 -8.02
N LEU A 217 -1.40 1.67 -7.56
CA LEU A 217 -0.09 1.92 -8.15
C LEU A 217 0.68 0.64 -8.43
N HIS A 218 1.20 0.55 -9.64
CA HIS A 218 2.01 -0.59 -10.06
C HIS A 218 3.44 -0.11 -9.85
N PRO A 219 4.21 -0.84 -9.04
CA PRO A 219 5.60 -0.49 -8.74
C PRO A 219 6.58 -0.88 -9.85
N GLY A 220 6.03 -1.34 -10.96
CA GLY A 220 6.87 -1.78 -12.06
C GLY A 220 7.30 -3.20 -11.71
N TRP A 221 8.06 -3.85 -12.59
CA TRP A 221 8.51 -5.20 -12.28
C TRP A 221 9.81 -5.08 -11.49
N VAL A 222 9.75 -5.39 -10.20
CA VAL A 222 10.90 -5.26 -9.32
C VAL A 222 11.47 -6.60 -8.84
N LYS A 223 12.79 -6.63 -8.64
CA LYS A 223 13.47 -7.85 -8.20
C LYS A 223 13.35 -8.18 -6.72
N THR A 224 12.17 -8.64 -6.32
CA THR A 224 11.94 -9.04 -4.93
C THR A 224 11.66 -10.53 -4.97
N ASP A 225 11.34 -11.13 -3.83
CA ASP A 225 11.03 -12.56 -3.80
C ASP A 225 9.87 -12.87 -4.74
N MSE A 226 8.95 -11.92 -4.88
CA MSE A 226 7.80 -12.10 -5.76
C MSE A 226 8.15 -11.76 -7.20
O MSE A 226 7.84 -12.51 -8.13
CB MSE A 226 6.62 -11.23 -5.32
CG MSE A 226 5.40 -11.34 -6.23
SE MSE A 226 3.91 -10.22 -5.70
CE MSE A 226 3.36 -11.21 -4.13
N GLY A 227 8.82 -10.63 -7.39
CA GLY A 227 9.19 -10.20 -8.72
C GLY A 227 10.20 -11.10 -9.41
N GLY A 228 11.11 -11.69 -8.63
CA GLY A 228 12.11 -12.57 -9.19
C GLY A 228 13.33 -11.84 -9.72
N SER A 229 14.39 -12.60 -10.01
CA SER A 229 15.65 -12.05 -10.50
C SER A 229 15.60 -11.54 -11.95
N SER A 230 14.52 -11.85 -12.67
CA SER A 230 14.40 -11.40 -14.06
C SER A 230 13.84 -9.99 -14.19
N ALA A 231 13.38 -9.42 -13.08
CA ALA A 231 12.83 -8.07 -13.08
C ALA A 231 13.87 -7.04 -13.50
N PRO A 232 13.46 -6.03 -14.27
CA PRO A 232 14.37 -4.97 -14.73
C PRO A 232 14.70 -3.91 -13.69
N LEU A 233 13.83 -3.77 -12.69
CA LEU A 233 14.03 -2.77 -11.65
C LEU A 233 14.49 -3.38 -10.33
N ASP A 234 15.28 -2.62 -9.58
CA ASP A 234 15.74 -3.07 -8.27
C ASP A 234 14.83 -2.38 -7.25
N VAL A 235 14.97 -2.74 -5.97
CA VAL A 235 14.12 -2.14 -4.94
C VAL A 235 14.26 -0.62 -4.77
N PRO A 236 15.50 -0.12 -4.56
CA PRO A 236 15.70 1.33 -4.39
C PRO A 236 15.23 2.17 -5.58
N THR A 237 15.45 1.67 -6.79
CA THR A 237 15.04 2.38 -7.99
C THR A 237 13.53 2.54 -8.04
N SER A 238 12.82 1.44 -7.79
CA SER A 238 11.37 1.46 -7.82
C SER A 238 10.80 2.29 -6.68
N THR A 239 11.12 1.89 -5.45
CA THR A 239 10.62 2.60 -4.27
C THR A 239 11.01 4.07 -4.25
N GLY A 240 12.19 4.39 -4.79
CA GLY A 240 12.62 5.77 -4.82
C GLY A 240 11.66 6.58 -5.67
N GLN A 241 11.38 6.07 -6.86
CA GLN A 241 10.47 6.76 -7.77
C GLN A 241 9.04 6.72 -7.21
N ILE A 242 8.68 5.63 -6.56
CA ILE A 242 7.34 5.49 -5.98
C ILE A 242 7.07 6.60 -4.96
N VAL A 243 7.96 6.70 -3.97
CA VAL A 243 7.84 7.72 -2.93
C VAL A 243 7.74 9.09 -3.59
N GLN A 244 8.51 9.26 -4.66
CA GLN A 244 8.52 10.52 -5.38
C GLN A 244 7.18 10.71 -6.12
N THR A 245 6.72 9.66 -6.78
CA THR A 245 5.46 9.71 -7.52
C THR A 245 4.25 9.99 -6.64
N ILE A 246 4.14 9.26 -5.53
CA ILE A 246 3.00 9.47 -4.65
C ILE A 246 3.06 10.88 -4.08
N SER A 247 4.28 11.42 -4.00
CA SER A 247 4.49 12.76 -3.48
C SER A 247 4.01 13.81 -4.47
N LYS A 248 3.83 13.43 -5.72
CA LYS A 248 3.37 14.37 -6.74
C LYS A 248 1.94 14.12 -7.19
N LEU A 249 1.33 13.06 -6.68
CA LEU A 249 -0.04 12.72 -7.04
C LEU A 249 -1.02 13.75 -6.47
N GLY A 250 -1.98 14.15 -7.29
CA GLY A 250 -2.96 15.13 -6.85
C GLY A 250 -4.38 14.73 -7.22
N GLU A 251 -5.32 15.66 -7.04
CA GLU A 251 -6.73 15.41 -7.34
C GLU A 251 -7.00 14.91 -8.75
N LYS A 252 -6.18 15.33 -9.71
CA LYS A 252 -6.37 14.92 -11.08
C LYS A 252 -6.15 13.42 -11.29
N GLN A 253 -5.28 12.83 -10.47
CA GLN A 253 -4.98 11.40 -10.57
C GLN A 253 -5.82 10.58 -9.60
N ASN A 254 -6.74 11.22 -8.90
CA ASN A 254 -7.59 10.56 -7.92
C ASN A 254 -8.45 9.45 -8.52
N GLY A 255 -8.42 8.28 -7.89
CA GLY A 255 -9.20 7.15 -8.37
C GLY A 255 -8.57 6.48 -9.58
N GLY A 256 -7.31 6.84 -9.85
CA GLY A 256 -6.63 6.28 -11.00
C GLY A 256 -5.68 5.14 -10.76
N PHE A 257 -5.20 4.58 -11.86
CA PHE A 257 -4.27 3.47 -11.86
C PHE A 257 -3.01 4.04 -12.50
N VAL A 258 -1.96 4.15 -11.71
CA VAL A 258 -0.72 4.71 -12.25
C VAL A 258 0.50 3.82 -12.11
N ASN A 259 1.43 4.03 -13.04
CA ASN A 259 2.68 3.30 -13.07
C ASN A 259 3.57 3.90 -11.97
N TYR A 260 4.72 3.27 -11.71
CA TYR A 260 5.61 3.76 -10.66
C TYR A 260 6.18 5.16 -10.92
N ASP A 261 6.14 5.59 -12.17
CA ASP A 261 6.63 6.91 -12.53
C ASP A 261 5.48 7.88 -12.77
N GLY A 262 4.28 7.45 -12.40
CA GLY A 262 3.10 8.29 -12.54
C GLY A 262 2.28 8.17 -13.82
N THR A 263 2.77 7.40 -14.79
CA THR A 263 2.05 7.24 -16.06
C THR A 263 0.71 6.51 -15.89
N PRO A 264 -0.37 7.05 -16.49
CA PRO A 264 -1.70 6.44 -16.39
C PRO A 264 -1.74 5.04 -17.01
N LEU A 265 -2.35 4.09 -16.30
CA LEU A 265 -2.45 2.73 -16.80
C LEU A 265 -3.90 2.33 -17.05
N ALA A 266 -4.08 1.33 -17.91
CA ALA A 266 -5.39 0.83 -18.27
C ALA A 266 -5.91 -0.18 -17.28
N TRP A 267 -7.20 -0.08 -16.97
CA TRP A 267 -7.88 -0.99 -16.05
C TRP A 267 -7.93 -2.38 -16.73
PA NAP B . 7.13 -9.90 -1.16
O1A NAP B . 6.64 -11.22 -1.19
O2A NAP B . 8.60 -9.50 -1.15
O5B NAP B . 6.50 -9.12 0.08
C5B NAP B . 5.09 -9.31 0.40
C4B NAP B . 5.00 -8.59 1.78
O4B NAP B . 3.57 -8.69 2.22
C3B NAP B . 5.79 -9.26 2.94
O3B NAP B . 6.26 -8.21 3.79
C2B NAP B . 4.75 -10.16 3.58
O2B NAP B . 5.00 -10.58 4.92
C1B NAP B . 3.47 -9.29 3.50
N9A NAP B . 2.31 -10.15 3.68
C8A NAP B . 1.80 -11.19 2.92
N7A NAP B . 0.70 -11.74 3.45
C5A NAP B . 0.50 -10.99 4.60
C6A NAP B . -0.51 -11.11 5.58
N6A NAP B . -1.53 -12.00 5.61
N1A NAP B . -0.45 -10.20 6.66
C2A NAP B . 0.56 -9.23 6.74
N3A NAP B . 1.57 -9.11 5.80
C4A NAP B . 1.49 -10.01 4.74
O3 NAP B . 6.53 -9.11 -2.38
PN NAP B . 6.71 -7.63 -2.91
O1N NAP B . 7.30 -7.65 -4.27
O2N NAP B . 7.46 -6.90 -1.87
O5D NAP B . 5.21 -7.15 -3.06
C5D NAP B . 4.80 -5.84 -2.52
C4D NAP B . 3.50 -5.44 -3.17
O4D NAP B . 3.74 -5.05 -4.54
C3D NAP B . 2.41 -6.56 -3.25
O3D NAP B . 1.09 -6.03 -2.96
C2D NAP B . 2.56 -7.07 -4.67
O2D NAP B . 1.43 -7.74 -5.17
C1D NAP B . 2.86 -5.82 -5.42
N1N NAP B . 3.64 -5.95 -6.68
C2N NAP B . 4.97 -6.45 -6.77
C3N NAP B . 5.56 -6.49 -8.04
C7N NAP B . 7.00 -7.02 -8.20
O7N NAP B . 7.45 -7.03 -9.33
N7N NAP B . 7.68 -7.44 -7.17
C4N NAP B . 4.84 -6.03 -9.23
C5N NAP B . 3.52 -5.54 -9.07
C6N NAP B . 2.90 -5.50 -7.80
P2B NAP B . 5.80 -11.97 5.29
O1X NAP B . 7.28 -11.65 5.12
O2X NAP B . 5.38 -12.17 6.71
O3X NAP B . 5.33 -13.03 4.30
#